data_1RRC
#
_entry.id   1RRC
#
_cell.length_a   81.132
_cell.length_b   92.976
_cell.length_c   124.137
_cell.angle_alpha   90.00
_cell.angle_beta   90.00
_cell.angle_gamma   90.00
#
_symmetry.space_group_name_H-M   'I 2 2 2'
#
loop_
_entity.id
_entity.type
_entity.pdbx_description
1 polymer "5'-D(*GP*TP*C)-3'"
2 polymer 'Polynucleotide kinase'
3 non-polymer 'CALCIUM ION'
4 non-polymer 'DIMETHYL SULFOXIDE'
5 non-polymer "ADENOSINE-5'-DIPHOSPHATE"
6 water water
#
loop_
_entity_poly.entity_id
_entity_poly.type
_entity_poly.pdbx_seq_one_letter_code
_entity_poly.pdbx_strand_id
1 'polydeoxyribonucleotide' (DG)(DT)(DC) B
2 'polypeptide(L)'
;(MSE)KKIILTIGCPGSGKSTWAREFIAKNPGFYNINRDDYRQSI(MSE)AHEERDEYKYTKKKEGIVTG(MSE)QFDTA
KSILYGGDSVKGVIISDTNLNPERRLAWETFAKEYGWKVEHKVFDVPWTELVKRNSKRGTKAVPIDVLRS(MSE)YKS
(MSE)REYLGLPVYNGTPGKPKAVIFDVDGTLAK(MSE)NGRGPYDLEKCDTDVINP(MSE)VVELSK(MSE)YAL
(MSE)GYQIVVVSGRESGTKEDPTKYYR(MSE)TRKWVEDIAGVPLV(MSE)QCQREQGDTRKDDVVKEEIFWKHIAPHF
DVKLAIDDRTQVVE(MSE)WRRIGVECWQVASGDF
;
A
#
loop_
_chem_comp.id
_chem_comp.type
_chem_comp.name
_chem_comp.formula
ADP non-polymer ADENOSINE-5'-DIPHOSPHATE 'C10 H15 N5 O10 P2'
CA non-polymer 'CALCIUM ION' 'Ca 2'
DC DNA linking 2'-DEOXYCYTIDINE-5'-MONOPHOSPHATE 'C9 H14 N3 O7 P'
DG DNA linking 2'-DEOXYGUANOSINE-5'-MONOPHOSPHATE 'C10 H14 N5 O7 P'
DMS non-polymer 'DIMETHYL SULFOXIDE' 'C2 H6 O S'
DT DNA linking THYMIDINE-5'-MONOPHOSPHATE 'C10 H15 N2 O8 P'
#
# COMPACT_ATOMS: atom_id res chain seq x y z
N MSE B 1 -15.54 -27.20 -16.30
CA MSE B 1 -14.10 -27.34 -15.95
C MSE B 1 -13.92 -26.97 -14.47
O MSE B 1 -14.39 -25.93 -14.02
CB MSE B 1 -13.25 -26.41 -16.82
CG MSE B 1 -11.80 -26.84 -17.00
SE MSE B 1 -10.75 -25.73 -18.27
CE MSE B 1 -11.92 -25.89 -19.81
N LYS B 2 -13.26 -27.85 -13.71
CA LYS B 2 -13.01 -27.60 -12.29
C LYS B 2 -12.06 -26.40 -12.18
N LYS B 3 -12.35 -25.49 -11.24
CA LYS B 3 -11.55 -24.29 -11.08
C LYS B 3 -10.63 -24.27 -9.85
N ILE B 4 -9.57 -23.47 -9.97
CA ILE B 4 -8.60 -23.27 -8.90
C ILE B 4 -8.65 -21.78 -8.61
N ILE B 5 -9.12 -21.39 -7.42
CA ILE B 5 -9.22 -19.98 -7.10
C ILE B 5 -8.09 -19.44 -6.23
N LEU B 6 -7.25 -18.61 -6.82
CA LEU B 6 -6.15 -17.99 -6.09
C LEU B 6 -6.69 -16.70 -5.46
N THR B 7 -6.51 -16.54 -4.15
CA THR B 7 -6.95 -15.32 -3.50
C THR B 7 -5.74 -14.40 -3.57
N ILE B 8 -5.94 -13.18 -4.08
CA ILE B 8 -4.85 -12.23 -4.18
C ILE B 8 -5.07 -11.16 -3.13
N GLY B 9 -4.17 -11.12 -2.15
CA GLY B 9 -4.29 -10.16 -1.08
C GLY B 9 -3.15 -10.17 -0.09
N CYS B 10 -2.98 -9.07 0.62
CA CYS B 10 -1.93 -8.96 1.63
C CYS B 10 -2.40 -9.64 2.89
N PRO B 11 -1.48 -9.99 3.79
CA PRO B 11 -1.98 -10.64 5.01
C PRO B 11 -2.93 -9.67 5.68
N GLY B 12 -4.00 -10.18 6.26
CA GLY B 12 -4.97 -9.32 6.91
C GLY B 12 -6.01 -8.72 5.98
N SER B 13 -6.04 -9.14 4.72
CA SER B 13 -6.99 -8.59 3.74
C SER B 13 -8.38 -9.21 3.64
N GLY B 14 -8.64 -10.28 4.39
CA GLY B 14 -9.96 -10.87 4.34
C GLY B 14 -10.01 -12.21 3.63
N LYS B 15 -8.87 -12.63 3.11
CA LYS B 15 -8.72 -13.90 2.38
C LYS B 15 -9.43 -15.11 2.99
N SER B 16 -8.96 -15.49 4.17
CA SER B 16 -9.45 -16.67 4.89
C SER B 16 -10.89 -16.57 5.34
N THR B 17 -11.28 -15.41 5.82
CA THR B 17 -12.64 -15.16 6.26
C THR B 17 -13.57 -15.43 5.07
N TRP B 18 -13.18 -14.97 3.89
CA TRP B 18 -13.97 -15.20 2.68
C TRP B 18 -13.96 -16.67 2.27
N ALA B 19 -12.79 -17.31 2.33
CA ALA B 19 -12.69 -18.70 1.94
C ALA B 19 -13.62 -19.56 2.78
N ARG B 20 -13.66 -19.30 4.09
CA ARG B 20 -14.51 -20.05 4.99
C ARG B 20 -15.99 -19.90 4.65
N GLU B 21 -16.40 -18.69 4.28
CA GLU B 21 -17.80 -18.46 3.94
C GLU B 21 -18.11 -19.12 2.61
N PHE B 22 -17.25 -18.91 1.63
CA PHE B 22 -17.49 -19.50 0.32
C PHE B 22 -17.65 -21.00 0.41
N ILE B 23 -16.76 -21.66 1.15
CA ILE B 23 -16.86 -23.11 1.29
C ILE B 23 -18.13 -23.50 2.02
N ALA B 24 -18.53 -22.69 3.00
CA ALA B 24 -19.73 -22.96 3.78
C ALA B 24 -20.96 -22.89 2.88
N LYS B 25 -20.97 -21.94 1.95
CA LYS B 25 -22.10 -21.76 1.03
C LYS B 25 -22.06 -22.62 -0.23
N ASN B 26 -20.87 -23.01 -0.68
CA ASN B 26 -20.72 -23.78 -1.91
C ASN B 26 -20.13 -25.17 -1.73
N PRO B 27 -20.98 -26.20 -1.66
CA PRO B 27 -20.51 -27.57 -1.48
C PRO B 27 -19.58 -28.02 -2.61
N GLY B 28 -18.51 -28.69 -2.26
CA GLY B 28 -17.58 -29.16 -3.28
C GLY B 28 -16.32 -28.33 -3.44
N PHE B 29 -16.12 -27.36 -2.55
CA PHE B 29 -14.94 -26.51 -2.58
C PHE B 29 -14.10 -26.74 -1.33
N TYR B 30 -12.78 -26.80 -1.49
CA TYR B 30 -11.88 -27.00 -0.36
C TYR B 30 -10.75 -25.98 -0.33
N ASN B 31 -10.28 -25.66 0.88
CA ASN B 31 -9.20 -24.69 1.06
C ASN B 31 -7.82 -25.34 1.15
N ILE B 32 -6.82 -24.65 0.61
CA ILE B 32 -5.44 -25.10 0.62
C ILE B 32 -4.67 -23.84 1.03
N ASN B 33 -3.86 -23.95 2.08
CA ASN B 33 -3.13 -22.79 2.61
C ASN B 33 -1.74 -23.16 3.13
N ARG B 34 -0.74 -22.34 2.79
CA ARG B 34 0.64 -22.58 3.22
C ARG B 34 0.91 -22.23 4.69
N ASP B 35 0.20 -21.24 5.24
CA ASP B 35 0.40 -20.89 6.65
C ASP B 35 0.02 -22.11 7.47
N ASP B 36 -1.07 -22.75 7.08
CA ASP B 36 -1.56 -23.96 7.75
C ASP B 36 -0.56 -25.12 7.66
N TYR B 37 0.00 -25.34 6.47
CA TYR B 37 0.96 -26.43 6.27
C TYR B 37 2.27 -26.12 6.97
N ARG B 38 2.54 -24.83 7.14
CA ARG B 38 3.75 -24.35 7.77
C ARG B 38 3.70 -24.63 9.28
N GLN B 39 2.55 -24.36 9.89
CA GLN B 39 2.41 -24.60 11.32
C GLN B 39 2.25 -26.07 11.65
N SER B 40 1.69 -26.83 10.72
CA SER B 40 1.45 -28.24 10.97
C SER B 40 2.71 -29.11 10.92
N ILE B 41 3.57 -28.91 9.94
CA ILE B 41 4.77 -29.74 9.89
C ILE B 41 5.68 -29.53 11.09
N MSE B 42 5.55 -28.38 11.77
CA MSE B 42 6.36 -28.11 12.95
C MSE B 42 5.56 -28.40 14.22
O MSE B 42 6.10 -28.34 15.33
CB MSE B 42 6.81 -26.64 12.97
CG MSE B 42 7.77 -26.23 11.87
SE MSE B 42 9.55 -27.02 12.02
CE MSE B 42 9.21 -28.64 11.04
N ALA B 43 4.28 -28.69 14.06
CA ALA B 43 3.42 -28.97 15.21
C ALA B 43 3.46 -27.76 16.14
N HIS B 44 3.63 -26.59 15.55
CA HIS B 44 3.71 -25.35 16.30
C HIS B 44 2.39 -25.01 16.98
N GLU B 45 2.48 -24.26 18.07
CA GLU B 45 1.31 -23.81 18.80
C GLU B 45 1.03 -22.38 18.34
N GLU B 46 -0.21 -21.94 18.47
CA GLU B 46 -0.60 -20.59 18.04
C GLU B 46 0.47 -19.50 18.19
N ARG B 47 1.16 -19.47 19.34
CA ARG B 47 2.16 -18.44 19.59
C ARG B 47 3.64 -18.69 19.27
N ASP B 48 3.95 -19.72 18.49
CA ASP B 48 5.35 -19.96 18.14
C ASP B 48 5.73 -19.21 16.86
N GLU B 49 6.96 -18.69 16.82
CA GLU B 49 7.44 -17.98 15.65
C GLU B 49 8.11 -18.96 14.71
N TYR B 50 7.53 -19.11 13.52
CA TYR B 50 8.04 -20.01 12.50
C TYR B 50 9.38 -19.54 11.93
N LYS B 51 10.33 -20.47 11.80
CA LYS B 51 11.65 -20.18 11.28
C LYS B 51 11.73 -20.53 9.80
N TYR B 52 11.79 -19.51 8.96
CA TYR B 52 11.84 -19.71 7.51
C TYR B 52 13.01 -20.56 7.03
N THR B 53 12.72 -21.43 6.05
CA THR B 53 13.74 -22.31 5.48
C THR B 53 13.34 -22.80 4.08
N LYS B 54 14.33 -22.89 3.18
CA LYS B 54 14.07 -23.35 1.82
C LYS B 54 13.45 -24.74 1.88
N LYS B 55 14.07 -25.60 2.70
CA LYS B 55 13.62 -26.97 2.89
C LYS B 55 12.14 -26.98 3.28
N LYS B 56 11.78 -26.31 4.38
CA LYS B 56 10.40 -26.28 4.82
C LYS B 56 9.45 -25.71 3.74
N GLU B 57 9.94 -24.77 2.93
CA GLU B 57 9.11 -24.19 1.86
C GLU B 57 8.85 -25.18 0.74
N GLY B 58 9.89 -25.89 0.35
CA GLY B 58 9.77 -26.88 -0.70
C GLY B 58 8.73 -27.89 -0.27
N ILE B 59 8.76 -28.28 1.00
CA ILE B 59 7.81 -29.22 1.53
C ILE B 59 6.37 -28.70 1.48
N VAL B 60 6.16 -27.46 1.91
CA VAL B 60 4.81 -26.90 1.88
C VAL B 60 4.31 -26.71 0.45
N THR B 61 5.23 -26.33 -0.44
CA THR B 61 4.88 -26.16 -1.85
C THR B 61 4.46 -27.53 -2.38
N GLY B 62 5.25 -28.55 -2.03
CA GLY B 62 4.95 -29.89 -2.48
C GLY B 62 3.57 -30.29 -1.98
N MSE B 63 3.31 -30.01 -0.70
CA MSE B 63 2.01 -30.34 -0.11
C MSE B 63 0.85 -29.67 -0.86
O MSE B 63 -0.20 -30.27 -1.03
CB MSE B 63 2.00 -29.97 1.38
CG MSE B 63 2.97 -30.79 2.25
SE MSE B 63 3.04 -30.23 4.13
CE MSE B 63 1.34 -30.98 4.70
N GLN B 64 1.04 -28.42 -1.29
CA GLN B 64 -0.01 -27.71 -2.03
C GLN B 64 -0.26 -28.39 -3.37
N PHE B 65 0.82 -28.70 -4.05
CA PHE B 65 0.80 -29.36 -5.35
C PHE B 65 -0.01 -30.66 -5.26
N ASP B 66 0.48 -31.58 -4.44
CA ASP B 66 -0.16 -32.88 -4.26
C ASP B 66 -1.61 -32.78 -3.77
N THR B 67 -1.88 -31.87 -2.85
CA THR B 67 -3.23 -31.73 -2.31
C THR B 67 -4.20 -31.21 -3.36
N ALA B 68 -3.69 -30.43 -4.30
CA ALA B 68 -4.52 -29.90 -5.37
C ALA B 68 -4.93 -31.02 -6.31
N LYS B 69 -3.96 -31.75 -6.85
CA LYS B 69 -4.24 -32.84 -7.77
C LYS B 69 -5.22 -33.84 -7.19
N SER B 70 -4.91 -34.30 -5.99
CA SER B 70 -5.74 -35.30 -5.31
C SER B 70 -7.19 -34.89 -5.11
N ILE B 71 -7.41 -33.62 -4.79
CA ILE B 71 -8.78 -33.17 -4.58
C ILE B 71 -9.48 -32.93 -5.90
N LEU B 72 -8.81 -32.23 -6.82
CA LEU B 72 -9.43 -31.96 -8.09
C LEU B 72 -9.70 -33.24 -8.87
N TYR B 73 -8.92 -34.31 -8.59
CA TYR B 73 -9.14 -35.59 -9.26
C TYR B 73 -10.16 -36.43 -8.50
N GLY B 74 -10.96 -35.78 -7.65
CA GLY B 74 -11.99 -36.49 -6.92
C GLY B 74 -13.19 -36.67 -7.83
N GLY B 75 -14.28 -37.19 -7.29
CA GLY B 75 -15.46 -37.39 -8.12
C GLY B 75 -16.01 -36.16 -8.83
N ASP B 76 -17.28 -36.25 -9.20
CA ASP B 76 -17.97 -35.16 -9.88
C ASP B 76 -18.51 -34.18 -8.84
N SER B 77 -18.46 -34.61 -7.58
CA SER B 77 -18.90 -33.79 -6.45
C SER B 77 -17.95 -32.60 -6.28
N VAL B 78 -16.68 -32.82 -6.57
CA VAL B 78 -15.67 -31.78 -6.44
C VAL B 78 -15.82 -30.67 -7.48
N LYS B 79 -15.96 -29.43 -7.01
CA LYS B 79 -16.12 -28.31 -7.92
C LYS B 79 -14.83 -27.52 -8.09
N GLY B 80 -14.02 -27.48 -7.04
CA GLY B 80 -12.77 -26.75 -7.11
C GLY B 80 -12.06 -26.59 -5.78
N VAL B 81 -10.98 -25.81 -5.78
CA VAL B 81 -10.21 -25.56 -4.57
C VAL B 81 -9.80 -24.11 -4.54
N ILE B 82 -9.64 -23.61 -3.32
CA ILE B 82 -9.25 -22.23 -3.09
C ILE B 82 -7.84 -22.23 -2.54
N ILE B 83 -6.95 -21.48 -3.18
CA ILE B 83 -5.57 -21.38 -2.72
C ILE B 83 -5.52 -20.04 -2.00
N SER B 84 -5.81 -20.06 -0.69
CA SER B 84 -5.85 -18.83 0.11
C SER B 84 -4.54 -18.22 0.62
N ASP B 85 -3.50 -18.25 -0.22
CA ASP B 85 -2.22 -17.64 0.14
C ASP B 85 -2.29 -16.18 -0.31
N THR B 86 -1.21 -15.42 -0.11
CA THR B 86 -1.20 -14.03 -0.54
C THR B 86 -1.22 -14.02 -2.08
N ASN B 87 -0.51 -14.98 -2.67
CA ASN B 87 -0.40 -15.11 -4.13
C ASN B 87 0.09 -13.81 -4.76
N LEU B 88 0.90 -13.06 -4.02
CA LEU B 88 1.38 -11.79 -4.55
C LEU B 88 2.65 -11.85 -5.38
N ASN B 89 3.21 -13.05 -5.56
CA ASN B 89 4.42 -13.23 -6.37
C ASN B 89 4.03 -13.71 -7.78
N PRO B 90 4.25 -12.87 -8.79
CA PRO B 90 3.91 -13.22 -10.18
C PRO B 90 4.37 -14.60 -10.63
N GLU B 91 5.61 -14.96 -10.31
CA GLU B 91 6.13 -16.26 -10.71
C GLU B 91 5.25 -17.36 -10.13
N ARG B 92 4.91 -17.21 -8.87
CA ARG B 92 4.08 -18.16 -8.16
C ARG B 92 2.71 -18.30 -8.85
N ARG B 93 2.16 -17.18 -9.31
CA ARG B 93 0.86 -17.20 -9.96
C ARG B 93 0.89 -17.91 -11.31
N LEU B 94 1.98 -17.73 -12.03
CA LEU B 94 2.15 -18.35 -13.33
C LEU B 94 2.16 -19.86 -13.16
N ALA B 95 2.92 -20.34 -12.19
CA ALA B 95 3.02 -21.77 -11.90
C ALA B 95 1.64 -22.41 -11.76
N TRP B 96 0.75 -21.75 -11.02
CA TRP B 96 -0.59 -22.30 -10.84
C TRP B 96 -1.31 -22.43 -12.17
N GLU B 97 -1.02 -21.50 -13.08
CA GLU B 97 -1.64 -21.51 -14.40
C GLU B 97 -1.13 -22.66 -15.24
N THR B 98 0.19 -22.75 -15.39
CA THR B 98 0.80 -23.81 -16.16
C THR B 98 0.36 -25.15 -15.57
N PHE B 99 0.42 -25.26 -14.25
CA PHE B 99 0.02 -26.48 -13.57
C PHE B 99 -1.45 -26.78 -13.89
N ALA B 100 -2.28 -25.76 -13.92
CA ALA B 100 -3.70 -25.94 -14.21
C ALA B 100 -3.98 -26.30 -15.68
N LYS B 101 -3.10 -25.87 -16.58
CA LYS B 101 -3.29 -26.13 -18.00
C LYS B 101 -3.05 -27.57 -18.40
N GLU B 102 -2.11 -28.23 -17.74
CA GLU B 102 -1.82 -29.61 -18.09
C GLU B 102 -2.84 -30.63 -17.58
N TYR B 103 -3.52 -30.35 -16.48
CA TYR B 103 -4.50 -31.33 -15.99
C TYR B 103 -5.91 -31.00 -16.42
N GLY B 104 -6.06 -29.86 -17.10
CA GLY B 104 -7.37 -29.46 -17.57
C GLY B 104 -8.22 -28.69 -16.59
N TRP B 105 -7.62 -27.79 -15.83
CA TRP B 105 -8.40 -27.00 -14.88
C TRP B 105 -8.23 -25.54 -15.24
N LYS B 106 -9.15 -24.70 -14.79
CA LYS B 106 -9.02 -23.27 -15.06
C LYS B 106 -8.69 -22.53 -13.77
N VAL B 107 -8.11 -21.34 -13.93
CA VAL B 107 -7.73 -20.53 -12.79
C VAL B 107 -8.47 -19.22 -12.74
N GLU B 108 -8.96 -18.90 -11.55
CA GLU B 108 -9.66 -17.64 -11.32
C GLU B 108 -8.99 -16.97 -10.14
N HIS B 109 -9.11 -15.63 -10.08
CA HIS B 109 -8.54 -14.86 -9.00
C HIS B 109 -9.73 -14.24 -8.27
N LYS B 110 -9.51 -13.92 -7.00
CA LYS B 110 -10.52 -13.29 -6.17
C LYS B 110 -9.65 -12.30 -5.43
N VAL B 111 -9.69 -11.04 -5.87
CA VAL B 111 -8.89 -9.97 -5.30
C VAL B 111 -9.44 -9.36 -4.02
N PHE B 112 -8.54 -9.05 -3.09
CA PHE B 112 -8.92 -8.43 -1.82
C PHE B 112 -8.09 -7.17 -1.61
N ASP B 113 -8.33 -6.16 -2.43
CA ASP B 113 -7.61 -4.90 -2.35
C ASP B 113 -8.09 -4.08 -1.16
N VAL B 114 -7.26 -4.02 -0.14
CA VAL B 114 -7.56 -3.27 1.07
C VAL B 114 -6.51 -2.17 1.17
N PRO B 115 -6.92 -0.96 1.58
CA PRO B 115 -6.01 0.19 1.73
C PRO B 115 -4.90 -0.03 2.75
N TRP B 116 -3.69 0.38 2.37
CA TRP B 116 -2.51 0.28 3.23
C TRP B 116 -2.85 0.57 4.69
N THR B 117 -3.38 1.76 4.94
CA THR B 117 -3.78 2.21 6.27
C THR B 117 -4.57 1.13 7.03
N GLU B 118 -5.57 0.52 6.38
CA GLU B 118 -6.37 -0.52 7.03
C GLU B 118 -5.56 -1.80 7.26
N LEU B 119 -4.67 -2.11 6.32
CA LEU B 119 -3.83 -3.30 6.44
C LEU B 119 -2.91 -3.16 7.63
N VAL B 120 -2.35 -1.96 7.82
CA VAL B 120 -1.47 -1.74 8.95
C VAL B 120 -2.29 -1.93 10.22
N LYS B 121 -3.43 -1.24 10.28
CA LYS B 121 -4.31 -1.31 11.42
C LYS B 121 -4.54 -2.76 11.87
N ARG B 122 -5.04 -3.58 10.96
CA ARG B 122 -5.33 -4.97 11.27
C ARG B 122 -4.11 -5.78 11.73
N ASN B 123 -3.00 -5.61 11.03
CA ASN B 123 -1.76 -6.33 11.32
C ASN B 123 -1.20 -5.99 12.70
N SER B 124 -1.44 -4.78 13.18
CA SER B 124 -0.94 -4.39 14.49
C SER B 124 -1.78 -5.02 15.59
N LYS B 125 -2.94 -5.54 15.23
CA LYS B 125 -3.81 -6.17 16.22
C LYS B 125 -3.89 -7.67 15.99
N ARG B 126 -3.25 -8.12 14.91
CA ARG B 126 -3.22 -9.52 14.51
C ARG B 126 -2.52 -10.42 15.54
N GLY B 127 -1.83 -9.79 16.48
CA GLY B 127 -1.13 -10.55 17.50
C GLY B 127 -0.04 -11.48 17.00
N THR B 128 -0.23 -12.77 17.24
CA THR B 128 0.74 -13.77 16.84
C THR B 128 0.80 -13.97 15.31
N LYS B 129 -0.31 -13.76 14.62
CA LYS B 129 -0.31 -13.91 13.17
C LYS B 129 0.23 -12.65 12.50
N ALA B 130 0.55 -11.63 13.30
CA ALA B 130 1.07 -10.39 12.75
C ALA B 130 2.29 -10.68 11.91
N VAL B 131 2.54 -9.80 10.95
CA VAL B 131 3.66 -9.93 10.04
C VAL B 131 4.54 -8.68 10.23
N PRO B 132 5.86 -8.81 10.02
CA PRO B 132 6.70 -7.62 10.21
C PRO B 132 6.24 -6.48 9.28
N ILE B 133 6.42 -5.24 9.72
CA ILE B 133 5.96 -4.11 8.92
C ILE B 133 6.58 -4.01 7.53
N ASP B 134 7.86 -4.36 7.39
CA ASP B 134 8.52 -4.26 6.10
C ASP B 134 8.07 -5.34 5.10
N VAL B 135 7.72 -6.52 5.60
CA VAL B 135 7.25 -7.53 4.66
C VAL B 135 5.85 -7.13 4.23
N LEU B 136 5.17 -6.36 5.07
CA LEU B 136 3.82 -5.90 4.74
C LEU B 136 3.93 -4.84 3.63
N ARG B 137 4.85 -3.90 3.80
CA ARG B 137 5.10 -2.84 2.81
C ARG B 137 5.38 -3.51 1.46
N SER B 138 6.24 -4.52 1.50
CA SER B 138 6.63 -5.29 0.33
C SER B 138 5.41 -6.02 -0.30
N MSE B 139 4.58 -6.64 0.53
CA MSE B 139 3.41 -7.33 0.02
C MSE B 139 2.51 -6.34 -0.72
O MSE B 139 2.05 -6.61 -1.83
CB MSE B 139 2.64 -7.96 1.18
CG MSE B 139 3.34 -9.14 1.84
SE MSE B 139 3.04 -10.75 0.82
CE MSE B 139 4.03 -10.28 -0.76
N TYR B 140 2.25 -5.20 -0.09
CA TYR B 140 1.40 -4.17 -0.68
C TYR B 140 2.05 -3.63 -1.96
N LYS B 141 3.37 -3.50 -1.98
CA LYS B 141 4.07 -3.03 -3.19
C LYS B 141 3.76 -3.99 -4.33
N SER B 142 3.72 -5.29 -4.03
CA SER B 142 3.40 -6.30 -5.04
C SER B 142 1.93 -6.20 -5.44
N MSE B 143 1.06 -5.93 -4.46
CA MSE B 143 -0.37 -5.82 -4.74
C MSE B 143 -0.60 -4.68 -5.73
O MSE B 143 -1.35 -4.83 -6.69
CB MSE B 143 -1.15 -5.57 -3.45
CG MSE B 143 -2.65 -5.29 -3.66
SE MSE B 143 -3.70 -6.77 -4.38
CE MSE B 143 -4.53 -7.38 -2.76
N ARG B 144 0.07 -3.54 -5.51
CA ARG B 144 -0.06 -2.39 -6.40
C ARG B 144 0.41 -2.75 -7.80
N GLU B 145 1.46 -3.55 -7.89
CA GLU B 145 1.97 -3.96 -9.18
C GLU B 145 0.93 -4.84 -9.86
N TYR B 146 0.26 -5.68 -9.08
CA TYR B 146 -0.78 -6.55 -9.64
C TYR B 146 -1.94 -5.73 -10.22
N LEU B 147 -2.35 -4.69 -9.48
CA LEU B 147 -3.45 -3.83 -9.90
C LEU B 147 -3.06 -2.91 -11.06
N GLY B 148 -1.75 -2.72 -11.25
CA GLY B 148 -1.29 -1.86 -12.32
C GLY B 148 -1.30 -0.39 -11.95
N LEU B 149 -1.25 -0.10 -10.66
CA LEU B 149 -1.24 1.28 -10.18
C LEU B 149 0.07 1.95 -10.62
N PRO B 150 0.05 3.28 -10.80
CA PRO B 150 1.20 4.09 -11.24
C PRO B 150 2.37 4.29 -10.27
N VAL B 151 3.57 4.27 -10.84
CA VAL B 151 4.82 4.49 -10.12
C VAL B 151 5.50 5.63 -10.87
N TYR B 152 5.79 6.72 -10.19
CA TYR B 152 6.43 7.87 -10.82
C TYR B 152 7.89 7.60 -11.12
N ASN B 153 8.36 8.07 -12.28
CA ASN B 153 9.76 7.88 -12.66
C ASN B 153 10.37 9.16 -13.20
N GLY B 154 9.81 10.30 -12.78
CA GLY B 154 10.34 11.59 -13.21
C GLY B 154 9.56 12.32 -14.30
N THR B 155 10.01 13.52 -14.61
CA THR B 155 9.37 14.30 -15.67
C THR B 155 10.48 15.02 -16.45
N PRO B 156 10.94 14.39 -17.54
CA PRO B 156 12.00 14.92 -18.41
C PRO B 156 11.67 16.29 -18.99
N GLY B 157 12.63 17.19 -18.97
CA GLY B 157 12.41 18.52 -19.51
C GLY B 157 11.80 19.52 -18.56
N LYS B 158 11.05 19.03 -17.58
CA LYS B 158 10.42 19.92 -16.62
C LYS B 158 11.39 20.24 -15.49
N PRO B 159 11.27 21.44 -14.89
CA PRO B 159 12.14 21.88 -13.79
C PRO B 159 12.01 21.01 -12.54
N LYS B 160 13.16 20.68 -11.96
CA LYS B 160 13.23 19.86 -10.77
C LYS B 160 12.57 20.58 -9.60
N ALA B 161 12.03 19.82 -8.64
CA ALA B 161 11.37 20.43 -7.49
C ALA B 161 11.28 19.53 -6.26
N VAL B 162 11.07 20.17 -5.12
CA VAL B 162 10.94 19.50 -3.84
C VAL B 162 9.53 19.82 -3.34
N ILE B 163 8.89 18.85 -2.70
CA ILE B 163 7.54 19.06 -2.19
C ILE B 163 7.58 19.20 -0.67
N PHE B 164 6.96 20.26 -0.15
CA PHE B 164 6.91 20.47 1.29
C PHE B 164 5.47 20.50 1.80
N ASP B 165 5.24 19.83 2.90
CA ASP B 165 3.92 19.81 3.51
C ASP B 165 3.95 20.95 4.54
N VAL B 166 2.80 21.33 5.09
CA VAL B 166 2.75 22.40 6.07
C VAL B 166 2.63 21.90 7.51
N ASP B 167 1.50 21.32 7.86
CA ASP B 167 1.30 20.84 9.22
C ASP B 167 2.28 19.77 9.71
N GLY B 168 3.07 20.13 10.70
CA GLY B 168 4.04 19.19 11.22
C GLY B 168 5.37 19.22 10.50
N THR B 169 5.38 19.80 9.30
CA THR B 169 6.61 19.88 8.52
C THR B 169 7.22 21.28 8.54
N LEU B 170 6.54 22.24 7.91
CA LEU B 170 7.01 23.63 7.89
C LEU B 170 6.51 24.35 9.15
N ALA B 171 5.28 24.01 9.56
CA ALA B 171 4.65 24.60 10.74
C ALA B 171 4.59 23.57 11.86
N LYS B 172 4.57 24.03 13.11
CA LYS B 172 4.52 23.12 14.25
C LYS B 172 3.17 22.99 14.95
N MSE B 173 2.65 24.11 15.45
CA MSE B 173 1.35 24.19 16.15
C MSE B 173 1.48 24.90 17.50
O MSE B 173 2.11 24.39 18.43
CB MSE B 173 0.74 22.79 16.37
CG MSE B 173 -0.77 22.78 16.58
SE MSE B 173 -1.65 21.13 15.99
CE MSE B 173 -1.55 20.11 17.64
N ASP B 187 0.46 29.19 14.14
CA ASP B 187 1.54 28.22 14.32
C ASP B 187 2.91 28.86 14.22
N VAL B 188 3.89 28.18 14.79
CA VAL B 188 5.26 28.67 14.79
C VAL B 188 6.03 27.89 13.73
N ILE B 189 7.16 28.44 13.29
CA ILE B 189 7.94 27.77 12.27
C ILE B 189 8.81 26.67 12.88
N ASN B 190 9.10 25.66 12.07
CA ASN B 190 9.96 24.54 12.44
C ASN B 190 11.23 25.04 11.75
N PRO B 191 12.12 25.68 12.51
CA PRO B 191 13.36 26.25 11.98
C PRO B 191 14.18 25.50 10.94
N MSE B 192 14.60 24.27 11.22
CA MSE B 192 15.40 23.53 10.24
C MSE B 192 14.69 23.26 8.90
O MSE B 192 15.27 23.45 7.84
CB MSE B 192 15.91 22.22 10.84
CG MSE B 192 16.88 22.41 12.01
SE MSE B 192 18.45 23.57 11.70
CE MSE B 192 19.55 22.35 10.66
N VAL B 193 13.42 22.83 8.95
CA VAL B 193 12.68 22.54 7.72
C VAL B 193 12.45 23.79 6.89
N VAL B 194 12.13 24.91 7.54
CA VAL B 194 11.91 26.16 6.80
C VAL B 194 13.25 26.56 6.17
N GLU B 195 14.31 26.49 6.97
CA GLU B 195 15.63 26.83 6.47
C GLU B 195 15.98 25.95 5.27
N LEU B 196 15.43 24.75 5.24
CA LEU B 196 15.70 23.81 4.16
C LEU B 196 15.09 24.27 2.83
N SER B 197 13.81 24.63 2.85
CA SER B 197 13.11 25.08 1.63
C SER B 197 13.87 26.24 0.99
N LYS B 198 14.38 27.15 1.81
CA LYS B 198 15.13 28.28 1.28
C LYS B 198 16.46 27.76 0.73
N MSE B 199 17.06 26.80 1.44
CA MSE B 199 18.33 26.20 1.03
C MSE B 199 18.17 25.56 -0.36
O MSE B 199 19.03 25.72 -1.22
CB MSE B 199 18.78 25.14 2.03
CG MSE B 199 19.56 25.64 3.24
SE MSE B 199 19.89 24.21 4.57
CE MSE B 199 21.13 23.15 3.54
N TYR B 200 17.08 24.84 -0.58
CA TYR B 200 16.87 24.20 -1.87
C TYR B 200 16.60 25.22 -2.97
N ALA B 201 15.92 26.29 -2.62
CA ALA B 201 15.60 27.34 -3.59
C ALA B 201 16.91 27.90 -4.18
N LEU B 202 17.88 28.17 -3.32
CA LEU B 202 19.15 28.69 -3.81
C LEU B 202 19.72 27.69 -4.80
N MSE B 203 19.70 26.42 -4.42
CA MSE B 203 20.24 25.36 -5.26
C MSE B 203 19.56 25.25 -6.63
O MSE B 203 19.94 24.42 -7.46
CB MSE B 203 20.18 24.03 -4.52
CG MSE B 203 21.13 23.96 -3.33
SE MSE B 203 23.00 23.68 -3.85
CE MSE B 203 23.51 25.52 -4.15
N GLY B 204 18.55 26.07 -6.88
CA GLY B 204 17.88 26.04 -8.16
C GLY B 204 16.65 25.15 -8.30
N TYR B 205 16.17 24.63 -7.19
CA TYR B 205 14.98 23.77 -7.22
C TYR B 205 13.69 24.59 -7.03
N GLN B 206 12.59 24.10 -7.61
CA GLN B 206 11.30 24.74 -7.47
C GLN B 206 10.69 24.21 -6.16
N ILE B 207 10.04 25.07 -5.38
CA ILE B 207 9.44 24.63 -4.12
C ILE B 207 7.91 24.52 -4.21
N VAL B 208 7.40 23.29 -4.28
CA VAL B 208 5.97 23.08 -4.33
C VAL B 208 5.47 22.76 -2.92
N VAL B 209 4.42 23.47 -2.52
CA VAL B 209 3.86 23.26 -1.20
C VAL B 209 2.50 22.55 -1.24
N VAL B 210 2.35 21.58 -0.35
CA VAL B 210 1.11 20.84 -0.29
C VAL B 210 0.63 20.71 1.14
N SER B 211 -0.67 20.60 1.32
CA SER B 211 -1.24 20.48 2.64
C SER B 211 -2.53 19.71 2.59
N GLY B 212 -2.76 18.89 3.62
CA GLY B 212 -3.96 18.10 3.70
C GLY B 212 -5.06 18.89 4.38
N ARG B 213 -4.77 20.13 4.78
CA ARG B 213 -5.77 20.98 5.42
C ARG B 213 -6.88 21.30 4.42
N GLU B 214 -8.12 21.16 4.85
CA GLU B 214 -9.26 21.48 3.99
C GLU B 214 -9.16 22.98 3.65
N SER B 215 -9.47 23.34 2.41
CA SER B 215 -9.37 24.73 1.95
C SER B 215 -10.18 25.72 2.75
N GLY B 216 -11.40 25.34 3.11
CA GLY B 216 -12.26 26.23 3.88
C GLY B 216 -13.52 25.55 4.37
N THR B 217 -14.55 26.35 4.62
CA THR B 217 -15.82 25.83 5.10
C THR B 217 -16.84 25.88 3.99
N LYS B 218 -18.00 25.28 4.22
CA LYS B 218 -19.07 25.26 3.23
C LYS B 218 -19.46 26.67 2.79
N GLU B 219 -19.41 27.61 3.71
CA GLU B 219 -19.76 28.99 3.43
C GLU B 219 -18.57 29.82 2.98
N ASP B 220 -17.36 29.45 3.44
CA ASP B 220 -16.12 30.13 3.08
C ASP B 220 -15.12 29.06 2.63
N PRO B 221 -15.32 28.53 1.42
CA PRO B 221 -14.49 27.48 0.80
C PRO B 221 -12.98 27.64 0.62
N THR B 222 -12.41 28.79 1.02
CA THR B 222 -10.96 29.01 0.90
C THR B 222 -10.40 29.63 2.19
N LYS B 223 -11.20 29.64 3.25
CA LYS B 223 -10.78 30.22 4.52
C LYS B 223 -9.41 29.74 4.95
N TYR B 224 -9.24 28.43 5.05
CA TYR B 224 -7.98 27.85 5.49
C TYR B 224 -6.85 27.94 4.48
N TYR B 225 -7.19 27.83 3.21
CA TYR B 225 -6.21 27.94 2.14
C TYR B 225 -5.54 29.32 2.26
N ARG B 226 -6.37 30.37 2.26
CA ARG B 226 -5.87 31.74 2.36
C ARG B 226 -4.99 31.89 3.58
N MSE B 227 -5.44 31.36 4.71
CA MSE B 227 -4.68 31.45 5.93
C MSE B 227 -3.32 30.76 5.78
O MSE B 227 -2.29 31.28 6.22
CB MSE B 227 -5.46 30.84 7.10
CG MSE B 227 -6.63 31.73 7.55
SE MSE B 227 -7.76 31.04 8.99
CE MSE B 227 -6.53 31.20 10.47
N THR B 228 -3.32 29.61 5.13
CA THR B 228 -2.10 28.84 4.92
C THR B 228 -1.16 29.63 4.01
N ARG B 229 -1.68 30.11 2.88
CA ARG B 229 -0.88 30.90 1.94
C ARG B 229 -0.22 32.06 2.66
N LYS B 230 -1.02 32.84 3.38
CA LYS B 230 -0.49 34.00 4.12
C LYS B 230 0.63 33.57 5.07
N TRP B 231 0.38 32.51 5.85
CA TRP B 231 1.37 32.02 6.81
C TRP B 231 2.69 31.64 6.13
N VAL B 232 2.59 30.90 5.02
CA VAL B 232 3.78 30.49 4.29
C VAL B 232 4.54 31.72 3.78
N GLU B 233 3.80 32.72 3.33
CA GLU B 233 4.39 33.95 2.80
C GLU B 233 4.90 34.95 3.84
N ASP B 234 4.10 35.22 4.87
CA ASP B 234 4.48 36.21 5.88
C ASP B 234 5.06 35.73 7.20
N ILE B 235 5.40 34.46 7.31
CA ILE B 235 5.98 33.98 8.57
C ILE B 235 7.13 33.03 8.32
N ALA B 236 6.95 32.14 7.35
CA ALA B 236 7.98 31.18 7.00
C ALA B 236 8.87 31.81 5.93
N GLY B 237 8.26 32.54 5.00
CA GLY B 237 9.01 33.19 3.95
C GLY B 237 9.49 32.20 2.91
N VAL B 238 8.66 31.19 2.65
CA VAL B 238 9.00 30.14 1.68
C VAL B 238 8.84 30.62 0.24
N PRO B 239 9.94 30.61 -0.53
CA PRO B 239 9.87 31.04 -1.93
C PRO B 239 9.21 29.97 -2.81
N LEU B 240 7.92 29.71 -2.57
CA LEU B 240 7.20 28.70 -3.32
C LEU B 240 6.72 29.18 -4.69
N VAL B 241 6.39 28.22 -5.55
CA VAL B 241 5.90 28.51 -6.88
C VAL B 241 4.48 27.98 -7.00
N MSE B 242 4.13 27.02 -6.15
CA MSE B 242 2.80 26.45 -6.17
C MSE B 242 2.37 25.92 -4.82
O MSE B 242 3.18 25.36 -4.08
CB MSE B 242 2.71 25.33 -7.22
CG MSE B 242 1.32 24.74 -7.35
SE MSE B 242 1.20 23.38 -8.72
CE MSE B 242 1.93 21.91 -7.71
N GLN B 243 1.09 26.10 -4.52
CA GLN B 243 0.51 25.63 -3.27
C GLN B 243 -0.76 24.86 -3.62
N CYS B 244 -0.90 23.65 -3.08
CA CYS B 244 -2.08 22.84 -3.34
C CYS B 244 -2.65 22.33 -2.03
N GLN B 245 -3.98 22.32 -1.93
CA GLN B 245 -4.64 21.85 -0.72
C GLN B 245 -5.88 21.05 -0.98
N ARG B 246 -6.19 20.17 -0.04
CA ARG B 246 -7.37 19.34 -0.07
C ARG B 246 -8.54 20.32 -0.29
N GLU B 247 -9.40 20.01 -1.25
CA GLU B 247 -10.54 20.87 -1.53
C GLU B 247 -11.53 20.86 -0.38
N GLN B 248 -12.38 21.88 -0.34
CA GLN B 248 -13.38 21.98 0.71
C GLN B 248 -14.44 20.91 0.45
N GLY B 249 -14.83 20.18 1.49
CA GLY B 249 -15.84 19.15 1.33
C GLY B 249 -15.26 17.73 1.26
N ASP B 250 -14.05 17.60 0.73
CA ASP B 250 -13.38 16.30 0.61
C ASP B 250 -13.10 15.69 1.98
N THR B 251 -13.61 14.49 2.22
CA THR B 251 -13.41 13.83 3.51
C THR B 251 -12.58 12.56 3.42
N ARG B 252 -11.96 12.33 2.26
CA ARG B 252 -11.13 11.16 2.05
C ARG B 252 -9.83 11.25 2.85
N LYS B 253 -9.08 10.15 2.89
CA LYS B 253 -7.81 10.08 3.61
C LYS B 253 -6.72 10.95 2.96
N ASP B 254 -5.87 11.57 3.78
CA ASP B 254 -4.75 12.41 3.31
C ASP B 254 -3.98 11.61 2.28
N ASP B 255 -3.97 10.32 2.55
CA ASP B 255 -3.36 9.28 1.74
C ASP B 255 -3.75 9.54 0.27
N VAL B 256 -5.03 9.30 0.01
CA VAL B 256 -5.64 9.44 -1.30
C VAL B 256 -5.60 10.88 -1.82
N VAL B 257 -5.91 11.82 -0.93
CA VAL B 257 -5.96 13.23 -1.31
C VAL B 257 -4.65 13.71 -1.90
N LYS B 258 -3.55 13.54 -1.17
CA LYS B 258 -2.29 14.02 -1.70
C LYS B 258 -1.83 13.36 -2.98
N GLU B 259 -2.09 12.07 -3.14
CA GLU B 259 -1.65 11.40 -4.36
C GLU B 259 -2.44 11.91 -5.56
N GLU B 260 -3.72 12.17 -5.35
CA GLU B 260 -4.59 12.67 -6.41
C GLU B 260 -4.05 14.02 -6.85
N ILE B 261 -3.71 14.84 -5.88
CA ILE B 261 -3.16 16.16 -6.17
C ILE B 261 -1.85 16.08 -6.92
N PHE B 262 -1.00 15.13 -6.55
CA PHE B 262 0.30 14.97 -7.21
C PHE B 262 0.22 14.66 -8.71
N TRP B 263 -0.57 13.65 -9.09
CA TRP B 263 -0.69 13.28 -10.50
C TRP B 263 -1.45 14.30 -11.35
N LYS B 264 -2.39 15.00 -10.73
CA LYS B 264 -3.17 15.95 -11.49
C LYS B 264 -2.59 17.35 -11.56
N HIS B 265 -1.95 17.81 -10.49
CA HIS B 265 -1.40 19.17 -10.46
C HIS B 265 0.11 19.32 -10.33
N ILE B 266 0.84 18.23 -10.13
CA ILE B 266 2.28 18.34 -9.97
C ILE B 266 3.17 17.56 -10.94
N ALA B 267 3.05 16.24 -10.94
CA ALA B 267 3.86 15.39 -11.83
C ALA B 267 3.95 15.90 -13.27
N PRO B 268 2.85 16.47 -13.79
CA PRO B 268 2.95 16.95 -15.17
C PRO B 268 3.66 18.29 -15.33
N HIS B 269 3.89 19.00 -14.23
CA HIS B 269 4.54 20.31 -14.31
C HIS B 269 5.95 20.38 -13.70
N PHE B 270 6.31 19.39 -12.89
CA PHE B 270 7.62 19.42 -12.27
C PHE B 270 8.33 18.08 -12.23
N ASP B 271 9.67 18.12 -12.22
CA ASP B 271 10.49 16.92 -12.14
C ASP B 271 10.80 16.83 -10.62
N VAL B 272 9.88 16.23 -9.87
CA VAL B 272 10.07 16.14 -8.42
C VAL B 272 11.10 15.09 -8.01
N LYS B 273 12.09 15.55 -7.25
CA LYS B 273 13.17 14.68 -6.80
C LYS B 273 13.12 14.41 -5.29
N LEU B 274 12.10 14.93 -4.62
CA LEU B 274 12.03 14.73 -3.18
C LEU B 274 10.74 15.29 -2.61
N ALA B 275 10.36 14.80 -1.43
CA ALA B 275 9.16 15.24 -0.74
C ALA B 275 9.49 15.28 0.75
N ILE B 276 9.08 16.36 1.40
CA ILE B 276 9.31 16.56 2.82
C ILE B 276 7.96 16.49 3.54
N ASP B 277 7.80 15.50 4.41
CA ASP B 277 6.54 15.35 5.11
C ASP B 277 6.76 14.82 6.52
N ASP B 278 5.69 14.73 7.30
CA ASP B 278 5.85 14.22 8.65
C ASP B 278 4.89 13.08 9.01
N ARG B 279 3.73 13.03 8.34
CA ARG B 279 2.74 11.99 8.65
C ARG B 279 3.04 10.65 7.95
N THR B 280 3.38 9.64 8.74
CA THR B 280 3.74 8.30 8.23
C THR B 280 2.96 7.75 7.04
N GLN B 281 1.63 7.84 7.07
CA GLN B 281 0.83 7.31 5.97
C GLN B 281 1.09 8.05 4.67
N VAL B 282 1.33 9.35 4.77
CA VAL B 282 1.60 10.15 3.59
C VAL B 282 3.02 9.84 3.12
N VAL B 283 3.94 9.71 4.07
CA VAL B 283 5.34 9.41 3.75
C VAL B 283 5.36 8.06 3.04
N GLU B 284 4.57 7.13 3.55
CA GLU B 284 4.47 5.79 3.01
C GLU B 284 3.92 5.84 1.58
N MSE B 285 2.98 6.75 1.34
CA MSE B 285 2.39 6.89 0.01
C MSE B 285 3.49 7.39 -0.95
O MSE B 285 3.68 6.84 -2.04
CB MSE B 285 1.22 7.89 0.06
CG MSE B 285 0.59 8.24 -1.31
SE MSE B 285 1.56 9.58 -2.34
CE MSE B 285 1.09 11.17 -1.30
N TRP B 286 4.23 8.40 -0.51
CA TRP B 286 5.32 8.97 -1.30
C TRP B 286 6.33 7.95 -1.81
N ARG B 287 7.03 7.26 -0.91
CA ARG B 287 8.02 6.25 -1.30
C ARG B 287 7.36 5.20 -2.19
N ARG B 288 6.18 4.78 -1.77
CA ARG B 288 5.42 3.81 -2.52
C ARG B 288 5.25 4.19 -4.00
N ILE B 289 4.92 5.45 -4.31
CA ILE B 289 4.75 5.82 -5.73
C ILE B 289 6.01 6.27 -6.47
N GLY B 290 7.18 6.12 -5.87
CA GLY B 290 8.41 6.48 -6.56
C GLY B 290 9.00 7.84 -6.25
N VAL B 291 8.62 8.44 -5.14
CA VAL B 291 9.15 9.75 -4.78
C VAL B 291 9.92 9.70 -3.48
N GLU B 292 11.21 10.02 -3.55
CA GLU B 292 12.03 10.02 -2.35
C GLU B 292 11.33 10.91 -1.35
N CYS B 293 11.33 10.51 -0.08
CA CYS B 293 10.68 11.28 0.94
C CYS B 293 11.43 11.19 2.24
N TRP B 294 11.62 12.33 2.88
CA TRP B 294 12.30 12.40 4.16
C TRP B 294 11.24 12.71 5.21
N GLN B 295 11.17 11.89 6.26
CA GLN B 295 10.22 12.12 7.34
C GLN B 295 10.93 12.95 8.41
N VAL B 296 10.49 14.19 8.57
CA VAL B 296 11.13 15.12 9.52
C VAL B 296 10.70 15.07 10.98
N ALA B 297 9.72 14.22 11.31
CA ALA B 297 9.26 14.12 12.69
C ALA B 297 8.37 12.89 12.90
N SER B 298 8.20 12.50 14.17
CA SER B 298 7.34 11.35 14.48
C SER B 298 5.92 11.74 14.06
N GLY B 299 5.34 10.95 13.16
CA GLY B 299 4.00 11.27 12.68
C GLY B 299 3.05 10.09 12.66
N ASP B 300 3.08 9.29 13.72
CA ASP B 300 2.22 8.14 13.78
C ASP B 300 0.83 8.55 14.29
N PHE B 301 0.03 9.08 13.36
CA PHE B 301 -1.33 9.54 13.63
C PHE B 301 -2.05 9.75 12.30
CA CA C . 1.69 16.97 7.92
CA CA D . -4.05 3.02 -0.45
S DMS E . -11.65 -13.72 -12.37
O DMS E . -10.31 -13.80 -11.80
C1 DMS E . -12.84 -13.77 -11.09
C2 DMS E . -11.93 -12.12 -13.08
PB ADP F . -5.38 -13.84 6.09
O1B ADP F . -5.46 -14.90 5.05
O2B ADP F . -5.30 -14.52 7.55
O3B ADP F . -4.20 -12.97 5.86
PA ADP F . -8.01 -13.14 7.01
O1A ADP F . -9.18 -12.92 6.17
O2A ADP F . -8.10 -14.46 7.60
O3A ADP F . -6.70 -12.99 6.15
O5' ADP F . -7.97 -12.12 8.21
C5' ADP F . -6.97 -11.18 8.55
C4' ADP F . -7.45 -10.45 9.86
O4' ADP F . -8.36 -9.41 9.50
C3' ADP F . -8.23 -11.33 10.88
O3' ADP F . -7.84 -11.06 12.24
C2' ADP F . -9.70 -11.03 10.61
O2' ADP F . -10.58 -11.38 11.68
C1' ADP F . -9.60 -9.55 10.26
N9 ADP F . -10.74 -8.99 9.40
C8 ADP F . -11.38 -9.65 8.39
N7 ADP F . -12.32 -8.86 7.87
C5 ADP F . -12.29 -7.71 8.51
C6 ADP F . -13.01 -6.49 8.44
N6 ADP F . -13.98 -6.34 7.54
N1 ADP F . -12.71 -5.45 9.31
C2 ADP F . -11.73 -5.54 10.26
N3 ADP F . -11.02 -6.71 10.33
C4 ADP F . -11.27 -7.80 9.50
#